data_1L7M
#
_entry.id   1L7M
#
_cell.length_a   69.073
_cell.length_b   70.270
_cell.length_c   90.924
_cell.angle_alpha   90.00
_cell.angle_beta   90.00
_cell.angle_gamma   90.00
#
_symmetry.space_group_name_H-M   'P 21 21 2'
#
loop_
_entity.id
_entity.type
_entity.pdbx_description
1 polymer 'Phosphoserine Phosphatase'
2 non-polymer 'PHOSPHATE ION'
3 non-polymer 'MAGNESIUM ION'
4 water water
#
_entity_poly.entity_id   1
_entity_poly.type   'polypeptide(L)'
_entity_poly.pdbx_seq_one_letter_code
;(MSE)EKKKKLILFDFDSTLVNNETIDEIAREAGVEEEVKKITKEA(MSE)EGKLNFEQSLRKRVSLLKDLPIEKVEKAI
KRITPTEGAEETIKELKNRGYVVAVVSGGFDIAVNKIKEKLGLDYAFANRLIVKDGKLTGDVEGEVLKENAKGEILEKIA
KIEGINLEDTVAVGDGANDIS(MSE)FKKAGLKIAFCAKPILKEKADICIEKRDLREILKYIK
;
_entity_poly.pdbx_strand_id   A,B
#
loop_
_chem_comp.id
_chem_comp.type
_chem_comp.name
_chem_comp.formula
MG non-polymer 'MAGNESIUM ION' 'Mg 2'
PO4 non-polymer 'PHOSPHATE ION' 'O4 P -3'
#
# COMPACT_ATOMS: atom_id res chain seq x y z
N LYS A 3 -18.81 -11.73 -42.19
CA LYS A 3 -19.52 -10.49 -42.61
C LYS A 3 -19.24 -9.37 -41.62
N LYS A 4 -19.84 -9.49 -40.44
CA LYS A 4 -19.68 -8.53 -39.35
C LYS A 4 -18.44 -8.86 -38.51
N LYS A 5 -17.57 -7.87 -38.32
CA LYS A 5 -16.35 -8.07 -37.56
C LYS A 5 -16.67 -8.38 -36.09
N LYS A 6 -15.80 -9.20 -35.50
CA LYS A 6 -15.96 -9.61 -34.11
C LYS A 6 -14.66 -9.43 -33.37
N LEU A 7 -14.76 -9.31 -32.06
CA LEU A 7 -13.58 -9.05 -31.25
C LEU A 7 -13.54 -9.95 -30.04
N ILE A 8 -12.38 -10.51 -29.72
CA ILE A 8 -12.25 -11.30 -28.51
C ILE A 8 -11.06 -10.76 -27.74
N LEU A 9 -11.29 -10.53 -26.45
CA LEU A 9 -10.28 -10.00 -25.51
C LEU A 9 -9.96 -11.05 -24.46
N PHE A 10 -8.67 -11.27 -24.25
CA PHE A 10 -8.20 -12.19 -23.23
C PHE A 10 -7.44 -11.48 -22.16
N ASP A 11 -7.55 -11.99 -20.94
N ASP A 11 -7.59 -12.01 -20.96
CA ASP A 11 -6.75 -11.43 -19.88
CA ASP A 11 -6.81 -11.58 -19.83
C ASP A 11 -5.46 -12.24 -20.09
C ASP A 11 -5.45 -12.28 -20.11
N PHE A 12 -4.36 -11.75 -19.55
CA PHE A 12 -3.03 -12.37 -19.74
C PHE A 12 -2.64 -13.39 -18.67
N ASP A 13 -2.34 -12.90 -17.46
CA ASP A 13 -1.86 -13.81 -16.39
C ASP A 13 -2.85 -14.91 -16.04
N SER A 14 -2.38 -16.15 -16.10
N SER A 14 -2.36 -16.15 -16.07
CA SER A 14 -3.19 -17.32 -15.77
CA SER A 14 -3.14 -17.37 -15.80
C SER A 14 -4.29 -17.66 -16.77
C SER A 14 -4.29 -17.63 -16.75
N THR A 15 -4.43 -16.85 -17.82
CA THR A 15 -5.46 -17.12 -18.85
C THR A 15 -4.74 -17.41 -20.15
N LEU A 16 -4.22 -16.36 -20.84
CA LEU A 16 -3.49 -16.62 -22.08
C LEU A 16 -2.14 -17.31 -21.79
N VAL A 17 -1.52 -17.02 -20.65
CA VAL A 17 -0.28 -17.69 -20.25
C VAL A 17 -0.54 -18.43 -18.92
N ASN A 18 0.29 -19.43 -18.63
CA ASN A 18 0.13 -20.21 -17.41
C ASN A 18 0.46 -19.44 -16.14
N ASN A 19 1.45 -18.57 -16.27
CA ASN A 19 2.03 -17.87 -15.14
C ASN A 19 1.39 -16.60 -14.66
N GLU A 20 1.81 -16.18 -13.48
CA GLU A 20 1.45 -14.88 -12.92
C GLU A 20 2.76 -14.10 -13.05
N THR A 21 2.81 -13.17 -14.00
CA THR A 21 4.03 -12.42 -14.25
C THR A 21 4.70 -11.85 -13.02
N ILE A 22 3.93 -11.13 -12.19
CA ILE A 22 4.47 -10.46 -11.02
C ILE A 22 5.01 -11.44 -9.99
N ASP A 23 4.38 -12.60 -9.89
CA ASP A 23 4.84 -13.63 -8.94
C ASP A 23 6.18 -14.22 -9.43
N GLU A 24 6.36 -14.36 -10.75
CA GLU A 24 7.64 -14.89 -11.28
C GLU A 24 8.76 -13.90 -11.05
N ILE A 25 8.49 -12.61 -11.27
CA ILE A 25 9.51 -11.60 -11.03
C ILE A 25 9.81 -11.58 -9.53
N ALA A 26 8.78 -11.73 -8.70
CA ALA A 26 8.98 -11.70 -7.26
C ALA A 26 9.94 -12.81 -6.82
N ARG A 27 9.85 -13.96 -7.48
CA ARG A 27 10.75 -15.06 -7.14
C ARG A 27 12.20 -14.58 -7.32
N GLU A 28 12.49 -13.88 -8.41
CA GLU A 28 13.85 -13.39 -8.62
C GLU A 28 14.27 -12.38 -7.57
N ALA A 29 13.32 -11.70 -6.96
CA ALA A 29 13.59 -10.69 -5.93
C ALA A 29 13.56 -11.30 -4.52
N GLY A 30 13.34 -12.62 -4.46
CA GLY A 30 13.29 -13.31 -3.19
C GLY A 30 12.03 -13.09 -2.38
N VAL A 31 10.97 -12.63 -3.02
CA VAL A 31 9.75 -12.40 -2.29
C VAL A 31 8.51 -13.05 -2.90
N GLU A 32 8.70 -14.23 -3.51
CA GLU A 32 7.60 -14.95 -4.19
C GLU A 32 6.41 -15.25 -3.30
N GLU A 33 6.68 -15.76 -2.11
CA GLU A 33 5.61 -16.10 -1.17
C GLU A 33 4.69 -14.92 -0.82
N GLU A 34 5.32 -13.84 -0.41
CA GLU A 34 4.69 -12.61 -0.04
C GLU A 34 3.82 -11.98 -1.19
N VAL A 35 4.45 -11.85 -2.34
CA VAL A 35 3.75 -11.29 -3.49
C VAL A 35 2.62 -12.23 -3.96
N LYS A 36 2.84 -13.55 -3.93
CA LYS A 36 1.80 -14.50 -4.34
C LYS A 36 0.53 -14.33 -3.50
N LYS A 37 0.73 -14.08 -2.22
CA LYS A 37 -0.42 -13.90 -1.32
C LYS A 37 -1.23 -12.67 -1.72
N ILE A 38 -0.55 -11.56 -1.98
CA ILE A 38 -1.27 -10.35 -2.38
C ILE A 38 -1.95 -10.53 -3.74
N THR A 39 -1.26 -11.19 -4.67
CA THR A 39 -1.84 -11.44 -6.01
C THR A 39 -3.14 -12.23 -5.86
N LYS A 40 -3.13 -13.28 -5.04
CA LYS A 40 -4.31 -14.10 -4.84
C LYS A 40 -5.44 -13.27 -4.26
N GLU A 41 -5.14 -12.51 -3.21
CA GLU A 41 -6.17 -11.66 -2.60
C GLU A 41 -6.76 -10.65 -3.61
N ALA A 42 -5.90 -10.04 -4.44
CA ALA A 42 -6.35 -9.07 -5.43
C ALA A 42 -7.25 -9.76 -6.47
N MSE A 43 -6.85 -10.92 -6.95
CA MSE A 43 -7.64 -11.63 -7.95
C MSE A 43 -8.98 -12.14 -7.41
O MSE A 43 -9.95 -12.24 -8.17
CB MSE A 43 -6.81 -12.77 -8.56
CG MSE A 43 -5.68 -12.24 -9.45
SE MSE A 43 -6.25 -11.00 -10.87
CE MSE A 43 -6.03 -9.31 -9.94
N GLU A 44 -9.03 -12.40 -6.11
CA GLU A 44 -10.27 -12.84 -5.47
C GLU A 44 -11.20 -11.65 -5.19
N GLY A 45 -10.70 -10.43 -5.39
CA GLY A 45 -11.51 -9.25 -5.15
C GLY A 45 -11.48 -8.71 -3.73
N LYS A 46 -10.47 -9.11 -2.96
CA LYS A 46 -10.36 -8.69 -1.56
C LYS A 46 -9.52 -7.43 -1.36
N LEU A 47 -8.89 -6.95 -2.42
CA LEU A 47 -8.07 -5.74 -2.35
C LEU A 47 -8.36 -4.88 -3.56
N ASN A 48 -8.13 -3.57 -3.44
CA ASN A 48 -8.24 -2.63 -4.55
C ASN A 48 -7.08 -3.02 -5.49
N PHE A 49 -7.37 -3.19 -6.78
CA PHE A 49 -6.33 -3.61 -7.68
C PHE A 49 -5.11 -2.70 -7.74
N GLU A 50 -5.34 -1.41 -7.98
CA GLU A 50 -4.22 -0.49 -8.09
C GLU A 50 -3.34 -0.47 -6.85
N GLN A 51 -3.93 -0.38 -5.67
CA GLN A 51 -3.09 -0.36 -4.48
C GLN A 51 -2.31 -1.67 -4.36
N SER A 52 -2.97 -2.80 -4.62
CA SER A 52 -2.32 -4.11 -4.52
C SER A 52 -1.15 -4.25 -5.50
N LEU A 53 -1.27 -3.68 -6.69
CA LEU A 53 -0.21 -3.75 -7.70
C LEU A 53 0.94 -2.86 -7.28
N ARG A 54 0.66 -1.64 -6.85
CA ARG A 54 1.74 -0.77 -6.38
C ARG A 54 2.47 -1.39 -5.17
N LYS A 55 1.72 -2.00 -4.23
CA LYS A 55 2.34 -2.65 -3.07
C LYS A 55 3.29 -3.77 -3.52
N ARG A 56 2.85 -4.60 -4.47
CA ARG A 56 3.70 -5.66 -4.96
C ARG A 56 4.91 -5.15 -5.69
N VAL A 57 4.73 -4.14 -6.54
CA VAL A 57 5.86 -3.63 -7.28
C VAL A 57 6.89 -2.94 -6.38
N SER A 58 6.43 -2.37 -5.27
N SER A 58 6.43 -2.32 -5.29
CA SER A 58 7.34 -1.72 -4.34
CA SER A 58 7.40 -1.70 -4.36
C SER A 58 8.35 -2.73 -3.80
C SER A 58 8.38 -2.75 -3.81
N LEU A 59 7.90 -3.96 -3.62
CA LEU A 59 8.77 -5.05 -3.11
C LEU A 59 9.85 -5.45 -4.14
N LEU A 60 9.68 -5.03 -5.39
CA LEU A 60 10.62 -5.34 -6.47
C LEU A 60 11.65 -4.25 -6.66
N LYS A 61 11.60 -3.22 -5.82
CA LYS A 61 12.56 -2.11 -5.93
C LYS A 61 14.00 -2.60 -6.01
N ASP A 62 14.75 -2.02 -6.96
CA ASP A 62 16.17 -2.31 -7.22
C ASP A 62 16.51 -3.61 -7.95
N LEU A 63 15.50 -4.39 -8.34
CA LEU A 63 15.78 -5.64 -9.03
C LEU A 63 16.40 -5.37 -10.40
N PRO A 64 17.52 -6.03 -10.72
CA PRO A 64 18.14 -5.79 -12.02
C PRO A 64 17.27 -6.26 -13.17
N ILE A 65 17.35 -5.55 -14.28
CA ILE A 65 16.60 -5.89 -15.46
C ILE A 65 16.95 -7.30 -15.93
N GLU A 66 18.20 -7.76 -15.73
CA GLU A 66 18.53 -9.10 -16.20
C GLU A 66 17.71 -10.16 -15.43
N LYS A 67 17.42 -9.90 -14.16
CA LYS A 67 16.61 -10.85 -13.34
C LYS A 67 15.14 -10.77 -13.77
N VAL A 68 14.67 -9.58 -14.13
CA VAL A 68 13.31 -9.45 -14.62
C VAL A 68 13.17 -10.29 -15.91
N GLU A 69 14.15 -10.19 -16.80
CA GLU A 69 14.12 -10.95 -18.05
C GLU A 69 14.20 -12.45 -17.80
N LYS A 70 14.96 -12.88 -16.80
CA LYS A 70 15.04 -14.31 -16.47
C LYS A 70 13.63 -14.82 -16.14
N ALA A 71 12.91 -14.07 -15.33
CA ALA A 71 11.56 -14.43 -14.94
C ALA A 71 10.64 -14.46 -16.14
N ILE A 72 10.67 -13.41 -16.95
CA ILE A 72 9.80 -13.34 -18.11
C ILE A 72 10.01 -14.47 -19.13
N LYS A 73 11.23 -14.94 -19.23
CA LYS A 73 11.55 -15.99 -20.19
C LYS A 73 10.89 -17.30 -19.79
N ARG A 74 10.46 -17.38 -18.53
CA ARG A 74 9.75 -18.58 -18.06
C ARG A 74 8.27 -18.58 -18.40
N ILE A 75 7.74 -17.46 -18.82
CA ILE A 75 6.33 -17.36 -19.13
C ILE A 75 5.98 -18.16 -20.38
N THR A 76 5.02 -19.07 -20.28
CA THR A 76 4.61 -19.90 -21.42
C THR A 76 3.10 -19.83 -21.69
N PRO A 77 2.70 -19.96 -22.96
CA PRO A 77 1.27 -19.93 -23.30
C PRO A 77 0.53 -21.13 -22.71
N THR A 78 -0.70 -20.86 -22.29
CA THR A 78 -1.58 -21.88 -21.76
C THR A 78 -1.86 -22.92 -22.83
N GLU A 79 -2.17 -24.13 -22.37
CA GLU A 79 -2.51 -25.20 -23.28
C GLU A 79 -3.62 -24.74 -24.24
N GLY A 80 -3.37 -24.99 -25.52
CA GLY A 80 -4.36 -24.65 -26.53
C GLY A 80 -4.36 -23.23 -27.04
N ALA A 81 -3.47 -22.39 -26.52
CA ALA A 81 -3.43 -20.98 -26.94
C ALA A 81 -3.27 -20.74 -28.44
N GLU A 82 -2.24 -21.30 -29.05
CA GLU A 82 -1.99 -21.07 -30.47
C GLU A 82 -3.09 -21.60 -31.37
N GLU A 83 -3.61 -22.77 -31.04
CA GLU A 83 -4.66 -23.37 -31.83
C GLU A 83 -5.92 -22.52 -31.71
N THR A 84 -6.18 -21.98 -30.52
CA THR A 84 -7.37 -21.18 -30.30
C THR A 84 -7.29 -19.86 -31.03
N ILE A 85 -6.14 -19.19 -30.96
CA ILE A 85 -5.96 -17.91 -31.67
C ILE A 85 -6.09 -18.09 -33.18
N LYS A 86 -5.52 -19.16 -33.72
CA LYS A 86 -5.61 -19.41 -35.15
C LYS A 86 -7.08 -19.61 -35.57
N GLU A 87 -7.82 -20.43 -34.83
CA GLU A 87 -9.21 -20.65 -35.17
C GLU A 87 -10.05 -19.38 -35.02
N LEU A 88 -9.73 -18.55 -34.02
CA LEU A 88 -10.47 -17.30 -33.83
C LEU A 88 -10.25 -16.38 -35.02
N LYS A 89 -9.00 -16.28 -35.47
CA LYS A 89 -8.72 -15.44 -36.60
C LYS A 89 -9.48 -16.00 -37.82
N ASN A 90 -9.56 -17.32 -37.95
CA ASN A 90 -10.25 -17.91 -39.09
C ASN A 90 -11.75 -17.62 -39.06
N ARG A 91 -12.30 -17.50 -37.85
CA ARG A 91 -13.71 -17.21 -37.71
C ARG A 91 -14.00 -15.71 -37.84
N GLY A 92 -12.98 -14.92 -38.13
CA GLY A 92 -13.18 -13.49 -38.31
C GLY A 92 -13.00 -12.59 -37.13
N TYR A 93 -12.24 -13.06 -36.13
CA TYR A 93 -12.03 -12.25 -34.97
C TYR A 93 -10.75 -11.41 -34.95
N VAL A 94 -10.90 -10.22 -34.39
CA VAL A 94 -9.75 -9.38 -34.00
C VAL A 94 -9.45 -9.96 -32.59
N VAL A 95 -8.17 -10.20 -32.29
CA VAL A 95 -7.80 -10.82 -31.00
C VAL A 95 -6.91 -9.87 -30.22
N ALA A 96 -7.31 -9.62 -28.98
CA ALA A 96 -6.60 -8.67 -28.12
C ALA A 96 -6.30 -9.27 -26.75
N VAL A 97 -5.27 -8.72 -26.12
CA VAL A 97 -4.96 -9.12 -24.75
C VAL A 97 -4.92 -7.83 -23.92
N VAL A 98 -5.52 -7.90 -22.73
N VAL A 98 -5.51 -7.87 -22.73
CA VAL A 98 -5.57 -6.77 -21.82
CA VAL A 98 -5.54 -6.70 -21.84
C VAL A 98 -5.07 -7.31 -20.49
C VAL A 98 -5.15 -7.23 -20.46
N SER A 99 -4.08 -6.64 -19.91
CA SER A 99 -3.51 -7.11 -18.67
C SER A 99 -3.17 -6.04 -17.65
N GLY A 100 -3.38 -6.35 -16.36
CA GLY A 100 -2.97 -5.46 -15.28
C GLY A 100 -1.49 -5.70 -14.96
N GLY A 101 -0.88 -6.56 -15.78
CA GLY A 101 0.54 -6.89 -15.73
C GLY A 101 1.37 -5.86 -16.46
N PHE A 102 2.48 -6.34 -17.04
CA PHE A 102 3.46 -5.42 -17.60
C PHE A 102 3.79 -5.62 -19.06
N ASP A 103 3.94 -4.51 -19.77
CA ASP A 103 4.26 -4.51 -21.19
C ASP A 103 5.49 -5.34 -21.54
N ILE A 104 6.54 -5.25 -20.70
CA ILE A 104 7.75 -5.98 -21.03
C ILE A 104 7.44 -7.48 -21.20
N ALA A 105 6.44 -8.00 -20.48
CA ALA A 105 6.08 -9.39 -20.62
C ALA A 105 4.99 -9.58 -21.69
N VAL A 106 3.94 -8.76 -21.63
CA VAL A 106 2.82 -8.89 -22.53
C VAL A 106 3.21 -8.66 -23.99
N ASN A 107 4.10 -7.70 -24.24
CA ASN A 107 4.51 -7.45 -25.61
C ASN A 107 5.17 -8.64 -26.27
N LYS A 108 5.91 -9.42 -25.49
CA LYS A 108 6.58 -10.59 -26.06
C LYS A 108 5.54 -11.56 -26.60
N ILE A 109 4.49 -11.78 -25.81
CA ILE A 109 3.46 -12.70 -26.23
C ILE A 109 2.62 -12.12 -27.39
N LYS A 110 2.44 -10.81 -27.41
CA LYS A 110 1.74 -10.13 -28.50
C LYS A 110 2.48 -10.47 -29.80
N GLU A 111 3.79 -10.31 -29.77
CA GLU A 111 4.60 -10.61 -30.96
C GLU A 111 4.63 -12.12 -31.29
N LYS A 112 4.81 -12.96 -30.27
CA LYS A 112 4.88 -14.41 -30.48
C LYS A 112 3.59 -15.01 -31.05
N LEU A 113 2.46 -14.63 -30.46
CA LEU A 113 1.17 -15.15 -30.87
C LEU A 113 0.49 -14.37 -31.99
N GLY A 114 1.05 -13.23 -32.39
CA GLY A 114 0.47 -12.43 -33.45
C GLY A 114 -0.85 -11.76 -33.08
N LEU A 115 -0.90 -11.17 -31.89
CA LEU A 115 -2.14 -10.54 -31.46
C LEU A 115 -2.33 -9.18 -32.09
N ASP A 116 -3.58 -8.79 -32.30
CA ASP A 116 -3.87 -7.51 -32.91
C ASP A 116 -3.71 -6.31 -32.00
N TYR A 117 -3.94 -6.51 -30.70
CA TYR A 117 -3.84 -5.44 -29.70
C TYR A 117 -3.33 -6.02 -28.39
N ALA A 118 -2.56 -5.22 -27.68
CA ALA A 118 -2.08 -5.59 -26.36
C ALA A 118 -2.00 -4.32 -25.51
N PHE A 119 -2.62 -4.38 -24.32
CA PHE A 119 -2.61 -3.27 -23.37
C PHE A 119 -2.15 -3.81 -22.01
N ALA A 120 -1.22 -3.11 -21.37
CA ALA A 120 -0.70 -3.51 -20.07
C ALA A 120 -0.12 -2.29 -19.37
N ASN A 121 0.25 -2.48 -18.10
CA ASN A 121 0.89 -1.41 -17.33
C ASN A 121 2.40 -1.42 -17.62
N ARG A 122 3.12 -0.49 -17.01
CA ARG A 122 4.56 -0.36 -17.26
C ARG A 122 5.38 -0.32 -16.00
N LEU A 123 6.37 -1.20 -15.90
CA LEU A 123 7.30 -1.16 -14.78
C LEU A 123 8.28 -0.04 -15.06
N ILE A 124 8.55 0.79 -14.06
CA ILE A 124 9.48 1.89 -14.25
C ILE A 124 10.90 1.39 -13.93
N VAL A 125 11.82 1.69 -14.85
CA VAL A 125 13.20 1.25 -14.76
C VAL A 125 14.16 2.43 -14.87
N LYS A 126 15.27 2.35 -14.15
CA LYS A 126 16.29 3.40 -14.24
C LYS A 126 17.62 2.74 -13.97
N ASP A 127 18.64 3.08 -14.77
CA ASP A 127 19.96 2.49 -14.61
C ASP A 127 19.96 0.97 -14.60
N GLY A 128 19.06 0.41 -15.39
CA GLY A 128 18.97 -1.04 -15.49
C GLY A 128 18.40 -1.77 -14.30
N LYS A 129 17.70 -1.05 -13.42
CA LYS A 129 17.07 -1.66 -12.24
C LYS A 129 15.65 -1.10 -12.06
N LEU A 130 14.75 -1.95 -11.56
CA LEU A 130 13.39 -1.47 -11.30
C LEU A 130 13.43 -0.40 -10.20
N THR A 131 12.62 0.63 -10.36
CA THR A 131 12.60 1.70 -9.36
C THR A 131 11.61 1.40 -8.23
N GLY A 132 10.72 0.43 -8.43
CA GLY A 132 9.74 0.16 -7.39
C GLY A 132 8.41 0.79 -7.70
N ASP A 133 8.32 1.50 -8.84
CA ASP A 133 7.08 2.13 -9.26
C ASP A 133 6.49 1.47 -10.51
N VAL A 134 5.21 1.72 -10.73
CA VAL A 134 4.50 1.21 -11.89
C VAL A 134 3.58 2.32 -12.36
N GLU A 135 3.33 2.39 -13.66
CA GLU A 135 2.39 3.39 -14.16
C GLU A 135 1.61 2.73 -15.26
N GLY A 136 0.46 3.27 -15.62
CA GLY A 136 -0.29 2.66 -16.69
C GLY A 136 -1.76 3.00 -16.70
N GLU A 137 -2.43 2.44 -17.69
CA GLU A 137 -3.88 2.67 -17.89
C GLU A 137 -4.72 1.41 -17.70
N VAL A 138 -4.15 0.42 -17.02
CA VAL A 138 -4.90 -0.79 -16.71
C VAL A 138 -4.83 -0.95 -15.18
N LEU A 139 -5.15 0.14 -14.48
CA LEU A 139 -5.09 0.16 -13.01
C LEU A 139 -6.42 0.39 -12.33
N LYS A 140 -7.20 1.31 -12.84
CA LYS A 140 -8.50 1.64 -12.23
C LYS A 140 -9.49 0.47 -12.37
N GLU A 141 -10.49 0.41 -11.51
CA GLU A 141 -11.46 -0.68 -11.53
C GLU A 141 -12.17 -0.84 -12.88
N ASN A 142 -12.42 0.25 -13.57
CA ASN A 142 -13.11 0.13 -14.84
C ASN A 142 -12.18 0.09 -16.03
N ALA A 143 -10.89 -0.04 -15.78
CA ALA A 143 -9.93 0.04 -16.88
C ALA A 143 -10.08 -0.94 -18.05
N LYS A 144 -10.22 -2.22 -17.76
CA LYS A 144 -10.32 -3.16 -18.85
C LYS A 144 -11.57 -2.95 -19.69
N GLY A 145 -12.68 -2.59 -19.06
CA GLY A 145 -13.89 -2.34 -19.85
C GLY A 145 -13.73 -1.15 -20.78
N GLU A 146 -13.04 -0.13 -20.28
CA GLU A 146 -12.82 1.06 -21.10
C GLU A 146 -11.96 0.71 -22.32
N ILE A 147 -10.96 -0.14 -22.11
CA ILE A 147 -10.11 -0.56 -23.20
C ILE A 147 -10.90 -1.41 -24.20
N LEU A 148 -11.77 -2.31 -23.72
CA LEU A 148 -12.59 -3.10 -24.63
C LEU A 148 -13.40 -2.15 -25.53
N GLU A 149 -14.00 -1.14 -24.93
CA GLU A 149 -14.79 -0.20 -25.70
C GLU A 149 -13.98 0.57 -26.71
N LYS A 150 -12.78 0.99 -26.33
CA LYS A 150 -11.90 1.72 -27.22
C LYS A 150 -11.49 0.86 -28.42
N ILE A 151 -11.14 -0.41 -28.20
CA ILE A 151 -10.74 -1.27 -29.31
C ILE A 151 -11.94 -1.51 -30.23
N ALA A 152 -13.10 -1.81 -29.65
CA ALA A 152 -14.27 -2.06 -30.47
C ALA A 152 -14.62 -0.82 -31.31
N LYS A 153 -14.42 0.37 -30.76
CA LYS A 153 -14.74 1.60 -31.50
C LYS A 153 -13.75 1.76 -32.67
N ILE A 154 -12.46 1.56 -32.42
CA ILE A 154 -11.48 1.67 -33.52
C ILE A 154 -11.87 0.73 -34.65
N GLU A 155 -12.31 -0.49 -34.30
CA GLU A 155 -12.63 -1.50 -35.30
C GLU A 155 -14.03 -1.45 -35.88
N GLY A 156 -14.89 -0.59 -35.35
CA GLY A 156 -16.26 -0.52 -35.82
C GLY A 156 -17.09 -1.75 -35.47
N ILE A 157 -16.77 -2.35 -34.33
CA ILE A 157 -17.43 -3.57 -33.88
C ILE A 157 -18.46 -3.28 -32.80
N ASN A 158 -19.68 -3.78 -32.97
CA ASN A 158 -20.75 -3.57 -31.99
C ASN A 158 -20.36 -4.36 -30.73
N LEU A 159 -20.58 -3.79 -29.55
CA LEU A 159 -20.24 -4.53 -28.34
C LEU A 159 -20.92 -5.90 -28.26
N GLU A 160 -22.08 -6.07 -28.89
CA GLU A 160 -22.72 -7.36 -28.87
C GLU A 160 -21.89 -8.42 -29.58
N ASP A 161 -20.94 -8.00 -30.42
CA ASP A 161 -20.08 -8.92 -31.17
C ASP A 161 -18.71 -9.05 -30.52
N THR A 162 -18.65 -8.80 -29.22
CA THR A 162 -17.40 -8.96 -28.48
C THR A 162 -17.52 -10.10 -27.47
N VAL A 163 -16.37 -10.71 -27.18
CA VAL A 163 -16.25 -11.81 -26.22
C VAL A 163 -15.09 -11.50 -25.31
N ALA A 164 -15.29 -11.72 -24.01
CA ALA A 164 -14.24 -11.50 -23.03
C ALA A 164 -13.96 -12.84 -22.34
N VAL A 165 -12.69 -13.15 -22.19
CA VAL A 165 -12.26 -14.39 -21.53
C VAL A 165 -11.36 -13.94 -20.38
N GLY A 166 -11.84 -14.12 -19.15
CA GLY A 166 -11.10 -13.66 -17.99
C GLY A 166 -11.01 -14.64 -16.85
N ASP A 167 -10.25 -14.28 -15.81
CA ASP A 167 -10.15 -15.17 -14.66
C ASP A 167 -10.02 -14.54 -13.29
N GLY A 168 -9.94 -13.22 -13.20
CA GLY A 168 -9.78 -12.56 -11.92
C GLY A 168 -10.67 -11.35 -11.74
N ALA A 169 -10.65 -10.82 -10.52
CA ALA A 169 -11.46 -9.67 -10.18
C ALA A 169 -11.27 -8.48 -11.09
N ASN A 170 -10.07 -8.28 -11.63
CA ASN A 170 -9.86 -7.12 -12.48
C ASN A 170 -10.43 -7.28 -13.91
N ASP A 171 -11.09 -8.41 -14.16
CA ASP A 171 -11.74 -8.65 -15.45
C ASP A 171 -13.23 -8.35 -15.35
N ILE A 172 -13.69 -7.97 -14.16
CA ILE A 172 -15.11 -7.69 -14.00
C ILE A 172 -15.58 -6.54 -14.91
N SER A 173 -14.80 -5.48 -15.04
CA SER A 173 -15.23 -4.38 -15.91
C SER A 173 -15.22 -4.79 -17.39
N MSE A 174 -14.34 -5.72 -17.75
CA MSE A 174 -14.26 -6.21 -19.12
C MSE A 174 -15.57 -6.98 -19.40
O MSE A 174 -16.22 -6.81 -20.45
CB MSE A 174 -13.06 -7.14 -19.22
CG MSE A 174 -12.75 -7.52 -20.66
SE MSE A 174 -11.02 -8.31 -20.76
CE MSE A 174 -11.32 -10.01 -19.90
N PHE A 175 -15.98 -7.80 -18.44
CA PHE A 175 -17.21 -8.56 -18.60
C PHE A 175 -18.39 -7.64 -18.75
N LYS A 176 -18.39 -6.55 -17.97
CA LYS A 176 -19.53 -5.64 -17.99
C LYS A 176 -19.81 -5.08 -19.36
N LYS A 177 -18.76 -4.90 -20.16
CA LYS A 177 -18.92 -4.33 -21.50
C LYS A 177 -19.03 -5.34 -22.62
N ALA A 178 -18.70 -6.61 -22.35
CA ALA A 178 -18.69 -7.69 -23.36
C ALA A 178 -20.01 -8.32 -23.73
N GLY A 179 -20.10 -8.81 -24.96
CA GLY A 179 -21.31 -9.46 -25.42
C GLY A 179 -21.49 -10.82 -24.79
N LEU A 180 -20.39 -11.58 -24.72
CA LEU A 180 -20.34 -12.93 -24.15
C LEU A 180 -19.20 -12.93 -23.15
N LYS A 181 -19.49 -13.39 -21.93
CA LYS A 181 -18.54 -13.39 -20.80
C LYS A 181 -18.13 -14.79 -20.44
N ILE A 182 -16.88 -15.13 -20.69
CA ILE A 182 -16.37 -16.45 -20.39
C ILE A 182 -15.36 -16.43 -19.25
N ALA A 183 -15.65 -17.10 -18.16
CA ALA A 183 -14.73 -17.20 -17.01
C ALA A 183 -13.92 -18.48 -17.24
N PHE A 184 -12.60 -18.34 -17.39
CA PHE A 184 -11.71 -19.48 -17.65
C PHE A 184 -10.91 -19.84 -16.39
N CYS A 185 -11.28 -20.97 -15.77
CA CYS A 185 -10.64 -21.47 -14.54
C CYS A 185 -10.48 -20.31 -13.57
N ALA A 186 -11.57 -19.59 -13.39
CA ALA A 186 -11.62 -18.36 -12.66
C ALA A 186 -11.95 -18.32 -11.17
N LYS A 187 -11.65 -17.18 -10.56
CA LYS A 187 -11.95 -16.92 -9.16
C LYS A 187 -13.46 -16.74 -9.00
N PRO A 188 -14.02 -17.12 -7.85
CA PRO A 188 -15.46 -17.00 -7.61
C PRO A 188 -16.09 -15.66 -7.97
N ILE A 189 -15.45 -14.56 -7.61
CA ILE A 189 -16.03 -13.26 -7.86
C ILE A 189 -16.31 -13.03 -9.33
N LEU A 190 -15.48 -13.59 -10.21
CA LEU A 190 -15.72 -13.42 -11.63
C LEU A 190 -16.70 -14.46 -12.14
N LYS A 191 -16.63 -15.68 -11.62
CA LYS A 191 -17.55 -16.73 -12.05
C LYS A 191 -18.99 -16.31 -11.84
N GLU A 192 -19.24 -15.57 -10.77
CA GLU A 192 -20.58 -15.12 -10.49
C GLU A 192 -21.11 -14.16 -11.54
N LYS A 193 -20.21 -13.48 -12.25
CA LYS A 193 -20.60 -12.53 -13.30
C LYS A 193 -20.59 -13.13 -14.70
N ALA A 194 -20.14 -14.37 -14.83
CA ALA A 194 -19.97 -15.00 -16.12
C ALA A 194 -21.20 -15.54 -16.79
N ASP A 195 -21.15 -15.63 -18.11
CA ASP A 195 -22.23 -16.24 -18.85
C ASP A 195 -21.87 -17.71 -18.94
N ILE A 196 -20.58 -17.98 -19.08
N ILE A 196 -20.58 -18.03 -19.06
CA ILE A 196 -20.04 -19.34 -19.20
CA ILE A 196 -20.09 -19.39 -19.19
C ILE A 196 -18.81 -19.53 -18.32
C ILE A 196 -18.85 -19.54 -18.32
N CYS A 197 -18.79 -20.62 -17.56
CA CYS A 197 -17.65 -20.92 -16.72
C CYS A 197 -17.01 -22.19 -17.24
N ILE A 198 -15.74 -22.11 -17.62
CA ILE A 198 -14.96 -23.24 -18.11
C ILE A 198 -14.01 -23.62 -16.98
N GLU A 199 -13.88 -24.91 -16.67
CA GLU A 199 -12.99 -25.32 -15.60
C GLU A 199 -11.88 -26.29 -16.05
N LYS A 200 -11.90 -26.67 -17.33
CA LYS A 200 -10.85 -27.52 -17.91
C LYS A 200 -9.79 -26.54 -18.42
N ARG A 201 -8.54 -26.73 -18.02
CA ARG A 201 -7.48 -25.79 -18.41
C ARG A 201 -6.93 -26.02 -19.80
N ASP A 202 -7.73 -25.64 -20.79
CA ASP A 202 -7.37 -25.79 -22.20
C ASP A 202 -8.16 -24.69 -22.90
N LEU A 203 -7.46 -23.72 -23.49
CA LEU A 203 -8.18 -22.64 -24.15
C LEU A 203 -9.07 -23.08 -25.32
N ARG A 204 -8.81 -24.24 -25.91
CA ARG A 204 -9.64 -24.71 -27.01
C ARG A 204 -11.08 -24.93 -26.56
N GLU A 205 -11.27 -25.09 -25.26
CA GLU A 205 -12.60 -25.32 -24.71
C GLU A 205 -13.54 -24.13 -24.96
N ILE A 206 -13.00 -22.95 -25.25
CA ILE A 206 -13.92 -21.83 -25.48
C ILE A 206 -14.49 -21.85 -26.89
N LEU A 207 -13.83 -22.53 -27.83
CA LEU A 207 -14.26 -22.47 -29.22
C LEU A 207 -15.68 -22.91 -29.50
N LYS A 208 -16.14 -23.91 -28.78
CA LYS A 208 -17.49 -24.38 -29.04
C LYS A 208 -18.56 -23.32 -28.81
N TYR A 209 -18.24 -22.31 -28.02
CA TYR A 209 -19.20 -21.25 -27.70
C TYR A 209 -19.05 -20.01 -28.57
N ILE A 210 -18.08 -20.06 -29.47
CA ILE A 210 -17.73 -18.92 -30.30
C ILE A 210 -18.24 -18.91 -31.73
N LYS A 211 -18.96 -17.82 -32.02
CA LYS A 211 -19.48 -17.49 -33.34
C LYS A 211 -20.94 -17.64 -33.47
N GLU B 2 -14.32 -4.61 -2.19
CA GLU B 2 -13.05 -4.23 -2.88
C GLU B 2 -12.55 -2.82 -2.46
N LYS B 3 -13.12 -2.23 -1.41
CA LYS B 3 -12.72 -0.87 -0.99
C LYS B 3 -11.21 -0.60 -0.83
N LYS B 4 -10.78 0.60 -1.15
CA LYS B 4 -9.37 0.94 -1.00
C LYS B 4 -9.04 1.17 0.45
N LYS B 5 -7.78 0.92 0.75
CA LYS B 5 -7.28 1.11 2.10
C LYS B 5 -6.86 2.55 2.28
N LYS B 6 -6.88 2.96 3.54
CA LYS B 6 -6.37 4.27 3.93
C LYS B 6 -5.19 3.96 4.87
N LEU B 7 -4.28 4.90 5.01
CA LEU B 7 -3.15 4.77 5.94
C LEU B 7 -3.40 5.84 7.01
N ILE B 8 -3.41 5.44 8.28
N ILE B 8 -3.41 5.45 8.29
CA ILE B 8 -3.62 6.37 9.38
CA ILE B 8 -3.63 6.42 9.37
C ILE B 8 -2.36 6.42 10.24
C ILE B 8 -2.37 6.42 10.22
N LEU B 9 -1.81 7.62 10.43
CA LEU B 9 -0.59 7.80 11.22
C LEU B 9 -0.89 8.58 12.47
N PHE B 10 -0.39 8.08 13.59
CA PHE B 10 -0.57 8.75 14.87
C PHE B 10 0.74 9.16 15.50
N ASP B 11 0.67 10.27 16.24
N ASP B 11 0.76 10.33 16.13
CA ASP B 11 1.79 10.77 17.00
CA ASP B 11 1.95 10.64 16.88
C ASP B 11 1.66 9.96 18.28
C ASP B 11 1.72 9.86 18.19
N PHE B 12 2.77 9.72 18.98
CA PHE B 12 2.72 8.93 20.21
C PHE B 12 2.46 9.73 21.48
N ASP B 13 3.43 10.55 21.87
CA ASP B 13 3.32 11.28 23.13
C ASP B 13 2.14 12.21 23.14
N SER B 14 1.34 12.12 24.18
CA SER B 14 0.16 12.95 24.35
C SER B 14 -0.97 12.65 23.36
N THR B 15 -0.74 11.76 22.38
CA THR B 15 -1.82 11.39 21.45
C THR B 15 -2.25 9.94 21.66
N LEU B 16 -1.40 8.97 21.33
CA LEU B 16 -1.77 7.57 21.56
C LEU B 16 -1.72 7.23 23.06
N VAL B 17 -0.84 7.92 23.80
CA VAL B 17 -0.72 7.74 25.24
C VAL B 17 -0.91 9.11 25.88
N ASN B 18 -1.25 9.11 27.17
CA ASN B 18 -1.53 10.37 27.84
C ASN B 18 -0.29 11.20 28.17
N ASN B 19 0.80 10.47 28.34
CA ASN B 19 2.07 11.00 28.77
C ASN B 19 3.02 11.54 27.76
N GLU B 20 4.04 12.25 28.26
CA GLU B 20 5.17 12.74 27.47
C GLU B 20 6.32 11.86 28.00
N THR B 21 6.78 10.94 27.16
CA THR B 21 7.81 9.99 27.56
C THR B 21 9.06 10.63 28.11
N ILE B 22 9.59 11.62 27.39
N ILE B 22 9.58 11.62 27.40
CA ILE B 22 10.80 12.31 27.81
CA ILE B 22 10.82 12.24 27.85
C ILE B 22 10.64 12.99 29.17
C ILE B 22 10.63 12.96 29.19
N ASP B 23 9.45 13.50 29.45
CA ASP B 23 9.19 14.16 30.72
C ASP B 23 9.10 13.17 31.87
N GLU B 24 8.54 12.00 31.61
CA GLU B 24 8.44 10.95 32.64
C GLU B 24 9.86 10.47 33.02
N ILE B 25 10.70 10.26 32.01
CA ILE B 25 12.06 9.83 32.27
C ILE B 25 12.82 10.93 33.01
N ALA B 26 12.60 12.19 32.65
CA ALA B 26 13.26 13.32 33.30
C ALA B 26 12.96 13.34 34.79
N ARG B 27 11.75 12.96 35.19
CA ARG B 27 11.43 12.94 36.61
C ARG B 27 12.36 11.98 37.35
N GLU B 28 12.64 10.82 36.75
CA GLU B 28 13.50 9.85 37.42
C GLU B 28 14.94 10.37 37.47
N ALA B 29 15.31 11.20 36.50
CA ALA B 29 16.64 11.78 36.41
C ALA B 29 16.79 13.08 37.21
N GLY B 30 15.71 13.51 37.86
CA GLY B 30 15.76 14.73 38.66
C GLY B 30 15.81 16.05 37.92
N VAL B 31 15.38 16.06 36.66
CA VAL B 31 15.41 17.27 35.86
C VAL B 31 14.04 17.49 35.22
N GLU B 32 12.98 17.07 35.91
CA GLU B 32 11.63 17.20 35.34
C GLU B 32 11.26 18.62 34.93
N GLU B 33 11.47 19.59 35.82
CA GLU B 33 11.11 20.98 35.54
C GLU B 33 11.78 21.51 34.27
N GLU B 34 13.09 21.38 34.18
CA GLU B 34 13.79 21.87 33.02
C GLU B 34 13.40 21.15 31.74
N VAL B 35 13.30 19.83 31.79
CA VAL B 35 12.92 19.12 30.57
C VAL B 35 11.48 19.45 30.14
N LYS B 36 10.54 19.51 31.10
CA LYS B 36 9.15 19.85 30.73
C LYS B 36 9.05 21.19 30.01
N LYS B 37 9.84 22.16 30.44
CA LYS B 37 9.82 23.49 29.83
C LYS B 37 10.30 23.42 28.38
N ILE B 38 11.38 22.66 28.14
CA ILE B 38 11.90 22.56 26.78
C ILE B 38 10.92 21.78 25.90
N THR B 39 10.31 20.74 26.46
CA THR B 39 9.35 19.94 25.71
C THR B 39 8.19 20.82 25.26
N LYS B 40 7.67 21.63 26.19
CA LYS B 40 6.56 22.51 25.86
C LYS B 40 6.95 23.48 24.74
N GLU B 41 8.14 24.08 24.84
CA GLU B 41 8.59 24.99 23.81
C GLU B 41 8.76 24.31 22.47
N ALA B 42 9.29 23.09 22.47
CA ALA B 42 9.48 22.32 21.24
C ALA B 42 8.12 22.01 20.61
N MSE B 43 7.16 21.61 21.44
CA MSE B 43 5.84 21.29 20.91
C MSE B 43 5.06 22.50 20.42
O MSE B 43 4.19 22.38 19.54
CB MSE B 43 5.05 20.49 21.94
CG MSE B 43 5.64 19.07 22.16
SE MSE B 43 5.79 17.98 20.51
CE MSE B 43 7.63 18.33 20.10
N GLU B 44 5.38 23.68 20.96
CA GLU B 44 4.73 24.92 20.50
C GLU B 44 5.52 25.48 19.31
N GLY B 45 6.54 24.77 18.86
CA GLY B 45 7.29 25.21 17.70
C GLY B 45 8.28 26.33 17.91
N LYS B 46 8.53 26.70 19.16
CA LYS B 46 9.47 27.76 19.42
C LYS B 46 10.89 27.34 19.08
N LEU B 47 11.21 26.06 19.27
CA LEU B 47 12.54 25.49 19.07
C LEU B 47 12.71 24.48 17.93
N ASN B 48 13.94 24.32 17.45
CA ASN B 48 14.26 23.30 16.45
C ASN B 48 14.04 21.98 17.19
N PHE B 49 13.34 21.03 16.57
CA PHE B 49 13.07 19.80 17.31
C PHE B 49 14.30 19.00 17.71
N GLU B 50 15.17 18.67 16.75
CA GLU B 50 16.35 17.89 17.07
C GLU B 50 17.23 18.54 18.12
N GLN B 51 17.52 19.83 17.97
CA GLN B 51 18.34 20.48 18.98
C GLN B 51 17.68 20.40 20.35
N SER B 52 16.36 20.59 20.41
CA SER B 52 15.66 20.53 21.69
C SER B 52 15.68 19.13 22.29
N LEU B 53 15.62 18.12 21.45
CA LEU B 53 15.62 16.76 21.96
C LEU B 53 17.00 16.34 22.45
N ARG B 54 18.04 16.69 21.69
CA ARG B 54 19.38 16.36 22.14
C ARG B 54 19.68 17.09 23.46
N LYS B 55 19.18 18.32 23.60
CA LYS B 55 19.40 19.06 24.84
C LYS B 55 18.72 18.35 26.01
N ARG B 56 17.49 17.89 25.81
CA ARG B 56 16.78 17.19 26.90
C ARG B 56 17.38 15.84 27.25
N VAL B 57 17.74 15.05 26.24
CA VAL B 57 18.31 13.74 26.51
C VAL B 57 19.68 13.84 27.19
N SER B 58 20.42 14.90 26.89
N SER B 58 20.43 14.89 26.88
CA SER B 58 21.73 15.08 27.52
CA SER B 58 21.73 15.07 27.52
C SER B 58 21.58 15.21 29.03
C SER B 58 21.57 15.20 29.04
N LEU B 59 20.46 15.77 29.48
CA LEU B 59 20.21 15.95 30.92
C LEU B 59 19.90 14.61 31.60
N LEU B 60 19.72 13.56 30.81
CA LEU B 60 19.40 12.23 31.36
C LEU B 60 20.63 11.33 31.50
N LYS B 61 21.80 11.87 31.18
CA LYS B 61 23.01 11.08 31.27
C LYS B 61 23.17 10.39 32.63
N ASP B 62 23.60 9.13 32.56
CA ASP B 62 23.88 8.25 33.70
C ASP B 62 22.66 7.65 34.41
N LEU B 63 21.46 7.90 33.90
CA LEU B 63 20.27 7.32 34.54
C LEU B 63 20.25 5.81 34.33
N PRO B 64 20.11 5.03 35.41
CA PRO B 64 20.08 3.57 35.21
C PRO B 64 18.87 3.10 34.40
N ILE B 65 19.05 2.07 33.59
CA ILE B 65 17.96 1.56 32.79
C ILE B 65 16.74 1.18 33.66
N GLU B 66 16.95 0.72 34.90
CA GLU B 66 15.83 0.34 35.76
C GLU B 66 14.94 1.55 36.05
N LYS B 67 15.54 2.74 36.13
CA LYS B 67 14.77 3.94 36.40
C LYS B 67 14.04 4.38 35.14
N VAL B 68 14.66 4.19 33.99
CA VAL B 68 13.98 4.49 32.74
C VAL B 68 12.72 3.62 32.64
N GLU B 69 12.83 2.35 32.98
CA GLU B 69 11.68 1.46 32.92
C GLU B 69 10.58 1.86 33.90
N LYS B 70 10.96 2.34 35.07
CA LYS B 70 9.98 2.79 36.06
C LYS B 70 9.15 3.92 35.45
N ALA B 71 9.82 4.81 34.75
CA ALA B 71 9.11 5.91 34.09
C ALA B 71 8.20 5.39 32.96
N ILE B 72 8.71 4.47 32.15
N ILE B 72 8.69 4.47 32.13
CA ILE B 72 7.94 3.89 31.05
CA ILE B 72 7.91 3.92 31.03
C ILE B 72 6.67 3.21 31.52
C ILE B 72 6.64 3.20 31.51
N LYS B 73 6.74 2.53 32.66
CA LYS B 73 5.59 1.81 33.21
C LYS B 73 4.42 2.71 33.57
N ARG B 74 4.68 4.00 33.77
CA ARG B 74 3.62 4.94 34.07
C ARG B 74 2.86 5.35 32.80
N ILE B 75 3.40 5.04 31.62
CA ILE B 75 2.70 5.41 30.39
C ILE B 75 1.39 4.63 30.24
N THR B 76 0.34 5.36 29.88
CA THR B 76 -0.97 4.73 29.72
C THR B 76 -1.61 5.15 28.42
N PRO B 77 -2.33 4.23 27.75
CA PRO B 77 -3.00 4.56 26.49
C PRO B 77 -4.11 5.56 26.69
N THR B 78 -4.27 6.44 25.73
CA THR B 78 -5.33 7.43 25.76
C THR B 78 -6.67 6.75 25.68
N GLU B 79 -7.67 7.33 26.35
CA GLU B 79 -9.04 6.82 26.29
C GLU B 79 -9.41 6.50 24.83
N GLY B 80 -9.93 5.29 24.60
CA GLY B 80 -10.35 4.92 23.27
C GLY B 80 -9.32 4.43 22.26
N ALA B 81 -8.05 4.39 22.65
CA ALA B 81 -7.01 4.00 21.72
C ALA B 81 -7.15 2.61 21.08
N GLU B 82 -7.29 1.55 21.87
CA GLU B 82 -7.35 0.25 21.26
C GLU B 82 -8.61 0.09 20.43
N GLU B 83 -9.75 0.56 20.93
CA GLU B 83 -10.97 0.41 20.18
C GLU B 83 -10.86 1.13 18.83
N THR B 84 -10.24 2.30 18.85
CA THR B 84 -10.10 3.07 17.62
C THR B 84 -9.21 2.34 16.61
N ILE B 85 -8.08 1.84 17.07
CA ILE B 85 -7.16 1.14 16.17
C ILE B 85 -7.84 -0.11 15.61
N LYS B 86 -8.54 -0.86 16.46
CA LYS B 86 -9.24 -2.07 15.96
C LYS B 86 -10.31 -1.74 14.93
N GLU B 87 -11.03 -0.63 15.14
CA GLU B 87 -12.05 -0.25 14.18
C GLU B 87 -11.39 0.15 12.87
N LEU B 88 -10.29 0.90 12.92
CA LEU B 88 -9.59 1.24 11.69
C LEU B 88 -9.11 -0.01 10.95
N LYS B 89 -8.54 -0.98 11.67
CA LYS B 89 -8.10 -2.21 10.99
C LYS B 89 -9.27 -3.03 10.47
N ASN B 90 -10.42 -2.91 11.14
CA ASN B 90 -11.62 -3.63 10.74
C ASN B 90 -12.08 -3.12 9.38
N ARG B 91 -11.72 -1.88 9.05
CA ARG B 91 -12.09 -1.30 7.77
C ARG B 91 -11.06 -1.67 6.69
N GLY B 92 -10.03 -2.40 7.09
CA GLY B 92 -8.98 -2.81 6.18
C GLY B 92 -7.83 -1.82 6.10
N TYR B 93 -7.83 -0.82 6.97
CA TYR B 93 -6.81 0.21 6.93
C TYR B 93 -5.47 -0.15 7.59
N VAL B 94 -4.43 0.57 7.20
CA VAL B 94 -3.09 0.38 7.76
C VAL B 94 -2.90 1.48 8.84
N VAL B 95 -2.39 1.09 10.00
N VAL B 95 -2.35 1.09 9.98
CA VAL B 95 -2.18 2.04 11.08
CA VAL B 95 -2.18 2.06 11.05
C VAL B 95 -0.72 2.10 11.50
C VAL B 95 -0.73 2.10 11.50
N ALA B 96 -0.22 3.31 11.69
CA ALA B 96 1.19 3.50 12.09
C ALA B 96 1.33 4.52 13.19
N VAL B 97 2.40 4.37 14.00
CA VAL B 97 2.73 5.38 15.01
C VAL B 97 4.12 5.91 14.61
N VAL B 98 4.25 7.24 14.60
CA VAL B 98 5.50 7.91 14.21
C VAL B 98 5.76 8.92 15.31
N SER B 99 6.88 8.73 16.00
CA SER B 99 7.19 9.51 17.19
C SER B 99 8.60 10.04 17.30
N GLY B 100 8.72 11.27 17.80
CA GLY B 100 10.02 11.86 18.13
C GLY B 100 10.54 11.32 19.47
N GLY B 101 9.76 10.43 20.10
CA GLY B 101 10.13 9.76 21.34
C GLY B 101 11.03 8.56 21.08
N PHE B 102 10.89 7.54 21.94
CA PHE B 102 11.81 6.41 21.97
C PHE B 102 11.25 5.02 21.82
N ASP B 103 12.00 4.19 21.07
CA ASP B 103 11.62 2.79 20.87
C ASP B 103 11.28 2.03 22.16
N ILE B 104 12.01 2.28 23.24
CA ILE B 104 11.77 1.59 24.50
C ILE B 104 10.33 1.77 24.99
N ALA B 105 9.68 2.86 24.58
CA ALA B 105 8.27 3.06 24.94
C ALA B 105 7.34 2.71 23.77
N VAL B 106 7.71 3.12 22.57
CA VAL B 106 6.86 2.93 21.41
C VAL B 106 6.72 1.46 20.98
N ASN B 107 7.79 0.67 21.14
CA ASN B 107 7.81 -0.78 20.79
C ASN B 107 6.68 -1.51 21.53
N LYS B 108 6.54 -1.18 22.79
CA LYS B 108 5.53 -1.82 23.63
C LYS B 108 4.14 -1.53 23.13
N ILE B 109 3.87 -0.26 22.86
CA ILE B 109 2.53 0.13 22.45
C ILE B 109 2.16 -0.37 21.07
N LYS B 110 3.16 -0.54 20.20
CA LYS B 110 2.97 -1.06 18.85
C LYS B 110 2.33 -2.43 19.01
N GLU B 111 2.93 -3.24 19.86
CA GLU B 111 2.41 -4.59 20.08
C GLU B 111 1.08 -4.57 20.81
N LYS B 112 1.01 -3.79 21.87
CA LYS B 112 -0.20 -3.73 22.70
C LYS B 112 -1.46 -3.31 21.94
N LEU B 113 -1.34 -2.29 21.09
CA LEU B 113 -2.50 -1.81 20.36
C LEU B 113 -2.71 -2.46 18.99
N GLY B 114 -1.69 -3.15 18.48
CA GLY B 114 -1.80 -3.83 17.21
C GLY B 114 -1.49 -2.95 16.01
N LEU B 115 -0.46 -2.13 16.11
CA LEU B 115 -0.09 -1.25 15.00
C LEU B 115 0.71 -1.98 13.94
N ASP B 116 0.59 -1.53 12.69
CA ASP B 116 1.32 -2.14 11.59
C ASP B 116 2.74 -1.64 11.43
N TYR B 117 2.97 -0.39 11.84
CA TYR B 117 4.28 0.25 11.74
C TYR B 117 4.53 1.12 12.96
N ALA B 118 5.80 1.20 13.37
CA ALA B 118 6.21 2.05 14.48
C ALA B 118 7.59 2.60 14.12
N PHE B 119 7.72 3.93 14.24
CA PHE B 119 8.99 4.61 13.96
C PHE B 119 9.22 5.53 15.15
N ALA B 120 10.41 5.48 15.72
CA ALA B 120 10.79 6.32 16.87
C ALA B 120 12.31 6.42 16.92
N ASN B 121 12.81 7.30 17.78
CA ASN B 121 14.24 7.41 17.96
C ASN B 121 14.68 6.44 19.04
N ARG B 122 15.97 6.47 19.37
CA ARG B 122 16.47 5.53 20.37
C ARG B 122 17.43 6.17 21.35
N LEU B 123 17.31 5.77 22.59
CA LEU B 123 18.21 6.23 23.64
C LEU B 123 19.43 5.34 23.66
N ILE B 124 20.62 5.92 23.66
CA ILE B 124 21.84 5.10 23.68
C ILE B 124 22.16 4.70 25.14
N VAL B 125 22.54 3.44 25.33
CA VAL B 125 22.78 2.86 26.64
C VAL B 125 24.19 2.25 26.71
N LYS B 126 24.86 2.48 27.82
CA LYS B 126 26.22 1.95 28.04
C LYS B 126 26.32 1.57 29.51
N ASP B 127 26.78 0.36 29.77
CA ASP B 127 26.96 -0.12 31.14
C ASP B 127 25.67 -0.05 31.98
N GLY B 128 24.53 -0.32 31.36
CA GLY B 128 23.25 -0.30 32.08
C GLY B 128 22.71 1.08 32.38
N LYS B 129 23.26 2.12 31.76
CA LYS B 129 22.80 3.49 32.02
C LYS B 129 22.71 4.30 30.73
N LEU B 130 21.83 5.30 30.73
CA LEU B 130 21.77 6.15 29.55
C LEU B 130 23.06 6.94 29.39
N THR B 131 23.54 7.08 28.16
CA THR B 131 24.75 7.86 27.94
C THR B 131 24.45 9.34 27.76
N GLY B 132 23.20 9.66 27.48
CA GLY B 132 22.87 11.05 27.22
C GLY B 132 22.74 11.35 25.74
N ASP B 133 22.97 10.36 24.86
CA ASP B 133 22.80 10.55 23.43
C ASP B 133 21.48 9.92 22.97
N VAL B 134 21.00 10.43 21.85
CA VAL B 134 19.82 9.94 21.17
C VAL B 134 20.17 9.86 19.68
N GLU B 135 19.66 8.83 18.99
CA GLU B 135 19.90 8.72 17.53
C GLU B 135 18.61 8.23 16.89
N GLY B 136 18.43 8.49 15.60
CA GLY B 136 17.21 8.03 14.96
C GLY B 136 16.86 8.80 13.72
N GLU B 137 15.74 8.43 13.12
CA GLU B 137 15.26 9.05 11.88
C GLU B 137 13.98 9.82 12.07
N VAL B 138 13.68 10.19 13.31
CA VAL B 138 12.49 11.03 13.57
C VAL B 138 12.96 12.29 14.33
N LEU B 139 13.99 12.92 13.75
CA LEU B 139 14.64 14.09 14.33
C LEU B 139 14.57 15.35 13.50
N LYS B 140 14.85 15.24 12.19
CA LYS B 140 14.86 16.40 11.31
C LYS B 140 13.49 17.06 11.22
N GLU B 141 13.47 18.33 10.85
CA GLU B 141 12.21 19.06 10.81
C GLU B 141 11.11 18.43 9.95
N ASN B 142 11.47 17.84 8.81
CA ASN B 142 10.45 17.21 7.96
C ASN B 142 10.43 15.70 8.14
N ALA B 143 11.00 15.20 9.25
CA ALA B 143 11.09 13.75 9.43
C ALA B 143 9.81 12.93 9.36
N LYS B 144 8.76 13.38 10.03
CA LYS B 144 7.53 12.59 10.02
C LYS B 144 6.89 12.53 8.63
N GLY B 145 6.94 13.63 7.89
CA GLY B 145 6.41 13.61 6.53
C GLY B 145 7.16 12.64 5.64
N GLU B 146 8.47 12.53 5.80
CA GLU B 146 9.29 11.59 5.02
C GLU B 146 8.85 10.17 5.31
N ILE B 147 8.60 9.87 6.58
CA ILE B 147 8.15 8.54 6.97
C ILE B 147 6.75 8.27 6.43
N LEU B 148 5.85 9.25 6.52
CA LEU B 148 4.52 9.05 5.95
C LEU B 148 4.62 8.65 4.47
N GLU B 149 5.41 9.41 3.71
CA GLU B 149 5.58 9.10 2.29
C GLU B 149 6.15 7.71 2.09
N LYS B 150 7.14 7.35 2.88
CA LYS B 150 7.77 6.03 2.76
C LYS B 150 6.75 4.90 3.01
N ILE B 151 5.96 5.00 4.09
CA ILE B 151 4.98 3.97 4.39
C ILE B 151 3.93 3.91 3.29
N ALA B 152 3.43 5.05 2.85
CA ALA B 152 2.41 5.04 1.79
C ALA B 152 2.94 4.36 0.54
N LYS B 153 4.20 4.58 0.20
CA LYS B 153 4.77 3.96 -1.01
C LYS B 153 4.86 2.44 -0.85
N ILE B 154 5.27 1.95 0.32
CA ILE B 154 5.34 0.53 0.56
C ILE B 154 3.95 -0.07 0.40
N GLU B 155 2.93 0.61 0.91
CA GLU B 155 1.60 0.08 0.88
C GLU B 155 0.82 0.30 -0.39
N GLY B 156 1.37 1.07 -1.31
CA GLY B 156 0.66 1.37 -2.55
C GLY B 156 -0.53 2.30 -2.34
N ILE B 157 -0.51 3.07 -1.25
CA ILE B 157 -1.61 3.97 -0.93
C ILE B 157 -1.26 5.40 -1.35
N ASN B 158 -2.15 6.02 -2.13
CA ASN B 158 -1.96 7.39 -2.57
C ASN B 158 -2.00 8.34 -1.38
N LEU B 159 -1.20 9.40 -1.44
CA LEU B 159 -1.16 10.34 -0.32
C LEU B 159 -2.56 10.91 0.00
N GLU B 160 -3.46 11.01 -0.98
CA GLU B 160 -4.78 11.57 -0.68
C GLU B 160 -5.56 10.65 0.25
N ASP B 161 -5.13 9.38 0.35
CA ASP B 161 -5.80 8.40 1.19
C ASP B 161 -5.07 8.19 2.52
N THR B 162 -4.37 9.22 2.97
N THR B 162 -4.36 9.21 2.95
CA THR B 162 -3.64 9.16 4.22
CA THR B 162 -3.67 9.12 4.23
C THR B 162 -4.26 10.13 5.22
C THR B 162 -4.31 10.11 5.22
N VAL B 163 -4.22 9.76 6.49
CA VAL B 163 -4.78 10.60 7.57
C VAL B 163 -3.70 10.72 8.64
N ALA B 164 -3.41 11.94 9.05
CA ALA B 164 -2.42 12.18 10.11
C ALA B 164 -3.15 12.71 11.35
N VAL B 165 -2.86 12.10 12.51
CA VAL B 165 -3.47 12.55 13.79
C VAL B 165 -2.29 12.96 14.66
N GLY B 166 -2.20 14.25 14.96
CA GLY B 166 -1.06 14.74 15.74
C GLY B 166 -1.42 15.76 16.79
N ASP B 167 -0.42 16.21 17.54
CA ASP B 167 -0.73 17.22 18.56
C ASP B 167 0.34 18.24 18.82
N GLY B 168 1.50 18.12 18.19
CA GLY B 168 2.61 19.06 18.43
C GLY B 168 3.26 19.58 17.16
N ALA B 169 4.15 20.55 17.31
CA ALA B 169 4.83 21.12 16.14
C ALA B 169 5.59 20.11 15.28
N ASN B 170 6.10 19.01 15.87
CA ASN B 170 6.84 18.06 15.03
C ASN B 170 5.92 17.16 14.19
N ASP B 171 4.62 17.41 14.26
CA ASP B 171 3.62 16.74 13.44
C ASP B 171 3.27 17.60 12.22
N ILE B 172 3.82 18.80 12.13
CA ILE B 172 3.52 19.68 11.00
C ILE B 172 3.96 19.06 9.67
N SER B 173 5.13 18.43 9.60
CA SER B 173 5.57 17.83 8.33
C SER B 173 4.69 16.63 7.88
N MSE B 174 4.09 15.94 8.85
CA MSE B 174 3.20 14.81 8.56
C MSE B 174 1.92 15.44 7.95
O MSE B 174 1.40 14.99 6.93
CB MSE B 174 2.90 14.06 9.87
CG MSE B 174 2.08 12.82 9.76
SE MSE B 174 2.39 11.87 11.39
CE MSE B 174 1.15 12.76 12.57
N PHE B 175 1.44 16.52 8.56
CA PHE B 175 0.26 17.21 8.04
C PHE B 175 0.50 17.65 6.60
N LYS B 176 1.69 18.17 6.31
CA LYS B 176 2.02 18.67 4.97
C LYS B 176 1.73 17.65 3.87
N LYS B 177 2.00 16.38 4.15
CA LYS B 177 1.84 15.31 3.17
C LYS B 177 0.51 14.55 3.23
N ALA B 178 -0.20 14.65 4.35
CA ALA B 178 -1.44 13.92 4.54
C ALA B 178 -2.69 14.39 3.81
N GLY B 179 -3.58 13.44 3.53
CA GLY B 179 -4.83 13.77 2.87
C GLY B 179 -5.84 14.41 3.81
N LEU B 180 -5.83 14.02 5.08
CA LEU B 180 -6.74 14.56 6.10
C LEU B 180 -5.88 14.82 7.30
N LYS B 181 -6.00 16.02 7.85
CA LYS B 181 -5.19 16.46 8.98
C LYS B 181 -6.02 16.66 10.22
N ILE B 182 -5.77 15.84 11.23
CA ILE B 182 -6.54 15.93 12.45
C ILE B 182 -5.67 16.32 13.62
N ALA B 183 -6.01 17.43 14.28
CA ALA B 183 -5.28 17.89 15.46
C ALA B 183 -6.03 17.39 16.69
N PHE B 184 -5.40 16.51 17.46
CA PHE B 184 -6.02 15.91 18.65
C PHE B 184 -5.55 16.58 19.93
N CYS B 185 -6.43 17.36 20.58
CA CYS B 185 -6.14 18.11 21.83
C CYS B 185 -4.75 18.70 21.68
N ALA B 186 -4.60 19.42 20.57
CA ALA B 186 -3.32 19.92 20.10
C ALA B 186 -2.88 21.30 20.44
N LYS B 187 -1.60 21.55 20.21
CA LYS B 187 -1.03 22.89 20.39
C LYS B 187 -1.55 23.81 19.27
N PRO B 188 -1.75 25.11 19.57
CA PRO B 188 -2.23 26.09 18.60
C PRO B 188 -1.48 26.04 17.27
N ILE B 189 -0.17 25.88 17.30
CA ILE B 189 0.59 25.87 16.07
C ILE B 189 0.15 24.74 15.12
N LEU B 190 -0.30 23.61 15.66
CA LEU B 190 -0.74 22.55 14.79
C LEU B 190 -2.21 22.74 14.43
N LYS B 191 -3.02 23.24 15.37
CA LYS B 191 -4.42 23.48 15.06
C LYS B 191 -4.55 24.45 13.88
N GLU B 192 -3.62 25.39 13.76
CA GLU B 192 -3.66 26.35 12.65
C GLU B 192 -3.63 25.67 11.29
N LYS B 193 -2.94 24.53 11.24
CA LYS B 193 -2.76 23.81 9.99
C LYS B 193 -3.68 22.64 9.80
N ALA B 194 -4.49 22.35 10.80
CA ALA B 194 -5.39 21.19 10.76
C ALA B 194 -6.66 21.34 9.95
N ASP B 195 -7.18 20.21 9.47
CA ASP B 195 -8.48 20.27 8.79
C ASP B 195 -9.54 20.21 9.90
N ILE B 196 -9.31 19.32 10.87
CA ILE B 196 -10.22 19.04 11.99
C ILE B 196 -9.49 19.15 13.34
N CYS B 197 -10.13 19.80 14.33
CA CYS B 197 -9.55 19.93 15.66
C CYS B 197 -10.54 19.27 16.63
N ILE B 198 -10.04 18.27 17.35
CA ILE B 198 -10.82 17.56 18.36
C ILE B 198 -10.30 17.99 19.73
N GLU B 199 -11.19 18.32 20.65
CA GLU B 199 -10.74 18.74 21.99
C GLU B 199 -11.20 17.80 23.09
N LYS B 200 -12.06 16.85 22.72
CA LYS B 200 -12.54 15.84 23.65
C LYS B 200 -11.44 14.77 23.62
N ARG B 201 -10.90 14.44 24.79
CA ARG B 201 -9.84 13.46 24.88
C ARG B 201 -10.31 12.00 24.85
N ASP B 202 -10.64 11.55 23.66
CA ASP B 202 -11.13 10.19 23.39
C ASP B 202 -10.78 10.01 21.92
N LEU B 203 -9.89 9.06 21.63
CA LEU B 203 -9.46 8.85 20.26
C LEU B 203 -10.57 8.39 19.34
N ARG B 204 -11.64 7.84 19.89
CA ARG B 204 -12.76 7.41 19.05
C ARG B 204 -13.39 8.58 18.31
N GLU B 205 -13.17 9.80 18.81
CA GLU B 205 -13.68 11.00 18.18
C GLU B 205 -13.15 11.18 16.75
N ILE B 206 -12.02 10.57 16.41
CA ILE B 206 -11.54 10.77 15.05
C ILE B 206 -12.34 9.95 14.03
N LEU B 207 -13.01 8.89 14.51
CA LEU B 207 -13.70 7.99 13.58
C LEU B 207 -14.77 8.63 12.69
N LYS B 208 -15.54 9.57 13.25
CA LYS B 208 -16.61 10.28 12.55
C LYS B 208 -16.09 11.00 11.30
N TYR B 209 -14.82 11.36 11.29
CA TYR B 209 -14.25 12.13 10.19
C TYR B 209 -13.62 11.29 9.08
N ILE B 210 -13.51 10.00 9.32
CA ILE B 210 -12.87 9.09 8.38
C ILE B 210 -13.86 8.08 7.84
N LYS B 211 -14.05 8.12 6.53
CA LYS B 211 -14.94 7.18 5.90
C LYS B 211 -14.20 5.85 5.93
P PO4 C . -3.80 -9.92 -15.58
O1 PO4 C . -4.69 -8.70 -15.60
O2 PO4 C . -4.56 -11.12 -15.25
O3 PO4 C . -3.14 -10.24 -16.96
O4 PO4 C . -2.62 -9.80 -14.53
MG MG D . -5.56 -13.23 -14.67
P PO4 E . -7.85 3.27 -7.62
O1 PO4 E . -9.20 2.20 -7.94
O2 PO4 E . -6.95 2.78 -6.25
O3 PO4 E . -7.28 3.02 -8.94
O4 PO4 E . -8.47 5.00 -7.59
P PO4 F . -18.13 -23.37 -11.11
O1 PO4 F . -19.39 -24.53 -11.04
O2 PO4 F . -17.11 -23.44 -9.90
O3 PO4 F . -17.61 -23.66 -12.74
O4 PO4 F . -18.93 -21.99 -11.08
P PO4 G . 5.97 12.52 19.80
O1 PO4 G . 4.78 13.40 20.05
O2 PO4 G . 5.42 11.05 19.83
O3 PO4 G . 6.67 12.85 18.45
O4 PO4 G . 7.04 12.78 20.92
MG MG H . 2.91 14.67 20.74
#